data_7VJV
#
_entry.id   7VJV
#
_cell.length_a   46.118
_cell.length_b   64.407
_cell.length_c   88.416
_cell.angle_alpha   90.000
_cell.angle_beta   90.000
_cell.angle_gamma   90.000
#
_symmetry.space_group_name_H-M   'P 21 21 21'
#
loop_
_entity.id
_entity.type
_entity.pdbx_description
1 polymer 'Alpha-ketoglutarate-dependent dioxygenase alkB homolog 6'
2 non-polymer 'MANGANESE (II) ION'
3 non-polymer '2-OXOGLUTARIC ACID'
4 water water
#
_entity_poly.entity_id   1
_entity_poly.type   'polypeptide(L)'
_entity_poly.pdbx_seq_one_letter_code
;MEEQDARVPALEPFRVEQAPPVIYYVPDFISKEEEEYLLRQVFNAPKPKWTQLSGRKLQNWGGLPHPRGMVPERLPPWLQ
RYVDKVSNLSLFGGLPANHVLVNQYLPGEGIMPHEDGPLYYPTVSTISLGSHTVLDFYEPRRPEDDDPTEQPRPPPRPTT
SLLLEPRSLLVLRGPAYTRLLHGIAAARVDALDAASSPPNAAACPSARPGACLVRGTRVSLTIRRVPRVLRAGLLLGKGT
ENLYFQ
;
_entity_poly.pdbx_strand_id   A
#
loop_
_chem_comp.id
_chem_comp.type
_chem_comp.name
_chem_comp.formula
AKG non-polymer '2-OXOGLUTARIC ACID' 'C5 H6 O5'
MN non-polymer 'MANGANESE (II) ION' 'Mn 2'
#
# COMPACT_ATOMS: atom_id res chain seq x y z
N MET A 1 -0.20 0.57 -23.73
CA MET A 1 -1.41 -0.27 -23.38
C MET A 1 -1.48 -0.47 -21.85
N GLU A 2 -0.35 -0.73 -21.19
CA GLU A 2 -0.31 -0.91 -19.72
C GLU A 2 -1.00 0.29 -19.04
N GLU A 3 -0.61 1.52 -19.41
CA GLU A 3 -1.16 2.78 -18.85
C GLU A 3 -2.64 2.84 -19.18
N GLN A 4 -3.00 2.61 -20.44
CA GLN A 4 -4.41 2.68 -20.92
C GLN A 4 -5.26 1.71 -20.09
N ASP A 5 -4.81 0.47 -19.94
CA ASP A 5 -5.58 -0.58 -19.21
C ASP A 5 -5.69 -0.20 -17.71
N ALA A 6 -4.72 0.54 -17.17
CA ALA A 6 -4.66 0.83 -15.72
C ALA A 6 -5.64 1.95 -15.35
N ARG A 7 -6.15 2.73 -16.31
CA ARG A 7 -7.04 3.86 -16.01
C ARG A 7 -8.36 3.35 -15.42
N VAL A 8 -8.88 4.04 -14.40
CA VAL A 8 -10.18 3.75 -13.74
C VAL A 8 -11.06 4.97 -13.95
N PRO A 9 -11.97 4.95 -14.94
CA PRO A 9 -12.76 6.15 -15.27
C PRO A 9 -13.37 6.89 -14.08
N ALA A 10 -14.00 6.19 -13.14
CA ALA A 10 -14.66 6.85 -11.99
C ALA A 10 -13.62 7.61 -11.16
N LEU A 11 -12.33 7.27 -11.21
CA LEU A 11 -11.32 7.94 -10.34
C LEU A 11 -10.55 9.01 -11.10
N GLU A 12 -10.85 9.28 -12.37
CA GLU A 12 -9.99 10.18 -13.19
C GLU A 12 -9.96 11.57 -12.59
N PRO A 13 -11.01 12.10 -11.90
CA PRO A 13 -10.90 13.39 -11.22
C PRO A 13 -9.83 13.42 -10.14
N PHE A 14 -9.35 12.23 -9.69
CA PHE A 14 -8.40 12.07 -8.58
C PHE A 14 -7.02 11.64 -9.11
N ARG A 15 -6.86 11.61 -10.44
CA ARG A 15 -5.56 11.20 -11.04
C ARG A 15 -4.48 12.19 -10.60
N VAL A 16 -3.32 11.69 -10.19
CA VAL A 16 -2.16 12.54 -9.79
C VAL A 16 -1.35 12.68 -11.08
N GLU A 17 -1.66 13.74 -11.84
CA GLU A 17 -1.26 13.94 -13.25
C GLU A 17 0.26 14.06 -13.37
N GLN A 18 0.96 14.62 -12.36
CA GLN A 18 2.43 14.85 -12.46
C GLN A 18 3.22 13.64 -11.93
N ALA A 19 2.55 12.59 -11.45
CA ALA A 19 3.19 11.38 -10.95
C ALA A 19 3.18 10.36 -12.08
N PRO A 20 4.01 9.30 -12.00
CA PRO A 20 4.00 8.25 -13.02
C PRO A 20 2.63 7.59 -13.15
N PRO A 21 2.32 7.04 -14.35
CA PRO A 21 1.04 6.37 -14.59
C PRO A 21 0.99 5.08 -13.77
N VAL A 22 -0.13 4.75 -13.10
CA VAL A 22 -1.34 5.54 -12.93
C VAL A 22 -1.59 5.60 -11.41
N ILE A 23 -1.58 6.80 -10.84
CA ILE A 23 -1.76 7.02 -9.38
C ILE A 23 -3.02 7.82 -9.15
N TYR A 24 -3.90 7.32 -8.28
CA TYR A 24 -5.10 8.06 -7.83
C TYR A 24 -4.92 8.41 -6.36
N TYR A 25 -5.38 9.60 -5.98
CA TYR A 25 -5.38 10.06 -4.57
C TYR A 25 -6.73 10.68 -4.29
N VAL A 26 -7.51 10.00 -3.46
CA VAL A 26 -8.88 10.44 -3.06
C VAL A 26 -8.81 10.94 -1.61
N PRO A 27 -8.90 12.27 -1.39
CA PRO A 27 -9.01 12.80 -0.03
C PRO A 27 -10.36 12.45 0.59
N ASP A 28 -10.37 12.30 1.91
CA ASP A 28 -11.62 12.09 2.69
C ASP A 28 -12.39 10.90 2.11
N PHE A 29 -11.69 9.79 1.84
CA PHE A 29 -12.35 8.54 1.39
C PHE A 29 -13.18 7.96 2.55
N ILE A 30 -12.70 8.16 3.77
CA ILE A 30 -13.40 7.75 5.01
C ILE A 30 -13.63 8.99 5.88
N SER A 31 -14.65 8.90 6.74
CA SER A 31 -15.01 9.99 7.69
C SER A 31 -14.13 9.88 8.94
N LYS A 32 -14.18 10.91 9.79
CA LYS A 32 -13.45 10.88 11.09
C LYS A 32 -14.01 9.76 11.97
N GLU A 33 -15.32 9.55 11.97
CA GLU A 33 -15.94 8.46 12.78
C GLU A 33 -15.45 7.10 12.30
N GLU A 34 -15.36 6.90 10.98
CA GLU A 34 -14.89 5.63 10.38
C GLU A 34 -13.41 5.41 10.74
N GLU A 35 -12.60 6.47 10.62
CA GLU A 35 -11.16 6.43 10.97
C GLU A 35 -11.00 6.02 12.43
N GLU A 36 -11.76 6.65 13.34
CA GLU A 36 -11.65 6.36 14.78
C GLU A 36 -11.95 4.88 15.02
N TYR A 37 -13.02 4.36 14.42
CA TYR A 37 -13.47 2.98 14.67
C TYR A 37 -12.40 2.00 14.17
N LEU A 38 -11.84 2.22 12.98
CA LEU A 38 -10.74 1.39 12.45
C LEU A 38 -9.54 1.40 13.41
N LEU A 39 -9.12 2.56 13.90
CA LEU A 39 -7.97 2.62 14.83
C LEU A 39 -8.27 1.79 16.08
N ARG A 40 -9.48 1.95 16.62
CA ARG A 40 -9.94 1.22 17.85
C ARG A 40 -9.84 -0.28 17.60
N GLN A 41 -10.32 -0.76 16.44
CA GLN A 41 -10.38 -2.21 16.13
C GLN A 41 -8.97 -2.74 15.88
N VAL A 42 -8.09 -1.99 15.20
CA VAL A 42 -6.65 -2.41 15.04
C VAL A 42 -6.01 -2.51 16.42
N PHE A 43 -6.19 -1.51 17.25
CA PHE A 43 -5.46 -1.43 18.54
C PHE A 43 -5.97 -2.52 19.50
N ASN A 44 -7.26 -2.89 19.42
CA ASN A 44 -7.92 -3.85 20.35
C ASN A 44 -7.85 -5.27 19.80
N ALA A 45 -7.23 -5.52 18.64
CA ALA A 45 -7.05 -6.89 18.10
C ALA A 45 -6.24 -7.73 19.08
N PRO A 46 -6.39 -9.07 19.06
CA PRO A 46 -5.57 -9.95 19.89
C PRO A 46 -4.07 -9.78 19.61
N LYS A 47 -3.25 -9.77 20.67
CA LYS A 47 -1.78 -9.55 20.64
C LYS A 47 -1.15 -10.40 19.54
N PRO A 48 -1.55 -11.70 19.37
CA PRO A 48 -0.96 -12.55 18.32
C PRO A 48 -1.21 -12.11 16.86
N LYS A 49 -2.09 -11.15 16.61
CA LYS A 49 -2.31 -10.64 15.23
C LYS A 49 -1.09 -9.81 14.81
N TRP A 50 -0.30 -9.31 15.75
CA TRP A 50 0.84 -8.39 15.47
C TRP A 50 2.12 -9.17 15.10
N THR A 51 2.80 -8.72 14.07
CA THR A 51 4.17 -9.13 13.70
C THR A 51 5.10 -7.95 13.93
N GLN A 52 6.16 -8.14 14.70
CA GLN A 52 7.21 -7.13 14.96
C GLN A 52 8.33 -7.29 13.93
N LEU A 53 8.54 -6.28 13.08
CA LEU A 53 9.65 -6.31 12.10
C LEU A 53 10.76 -5.38 12.63
N SER A 54 11.84 -5.22 11.86
CA SER A 54 13.01 -4.42 12.26
C SER A 54 12.61 -2.95 12.46
N GLY A 55 11.65 -2.41 11.68
CA GLY A 55 11.39 -0.96 11.62
C GLY A 55 9.92 -0.60 11.60
N ARG A 56 9.03 -1.54 11.91
CA ARG A 56 7.56 -1.30 11.97
C ARG A 56 6.92 -2.57 12.56
N LYS A 57 5.62 -2.48 12.83
CA LYS A 57 4.75 -3.56 13.34
C LYS A 57 3.59 -3.71 12.34
N LEU A 58 3.08 -4.91 12.13
CA LEU A 58 1.98 -5.08 11.14
C LEU A 58 1.01 -6.17 11.58
N GLN A 59 -0.14 -6.22 10.90
CA GLN A 59 -1.13 -7.33 10.98
C GLN A 59 -1.43 -7.80 9.56
N ASN A 60 -1.51 -9.09 9.36
CA ASN A 60 -2.12 -9.71 8.17
C ASN A 60 -3.57 -10.10 8.48
N TRP A 61 -4.50 -9.74 7.59
CA TRP A 61 -5.90 -10.18 7.67
C TRP A 61 -6.29 -10.77 6.32
N GLY A 62 -6.92 -11.95 6.32
CA GLY A 62 -7.29 -12.66 5.09
C GLY A 62 -6.39 -13.85 4.84
N GLY A 63 -5.28 -13.94 5.57
CA GLY A 63 -4.25 -14.99 5.43
C GLY A 63 -2.88 -14.43 5.09
N LEU A 64 -1.90 -15.33 4.98
CA LEU A 64 -0.49 -14.97 4.74
C LEU A 64 -0.16 -15.28 3.29
N PRO A 65 -0.03 -14.26 2.41
CA PRO A 65 0.32 -14.48 1.01
C PRO A 65 1.60 -15.30 0.90
N HIS A 66 1.62 -16.20 -0.07
CA HIS A 66 2.71 -17.19 -0.27
C HIS A 66 2.72 -17.62 -1.71
N PRO A 67 3.92 -17.78 -2.35
CA PRO A 67 3.99 -18.20 -3.74
C PRO A 67 3.35 -19.57 -4.04
N ARG A 68 3.27 -20.45 -3.05
CA ARG A 68 2.68 -21.81 -3.27
C ARG A 68 1.17 -21.75 -3.05
N GLY A 69 0.64 -20.62 -2.58
CA GLY A 69 -0.81 -20.46 -2.35
C GLY A 69 -1.10 -20.00 -0.94
N MET A 70 -2.07 -19.11 -0.77
CA MET A 70 -2.37 -18.51 0.54
C MET A 70 -3.43 -19.37 1.22
N VAL A 71 -3.22 -19.73 2.48
CA VAL A 71 -4.27 -20.32 3.37
C VAL A 71 -5.19 -19.20 3.83
N PRO A 72 -6.46 -19.15 3.36
CA PRO A 72 -7.31 -17.98 3.60
C PRO A 72 -7.85 -17.94 5.04
N GLU A 73 -8.10 -16.73 5.53
CA GLU A 73 -8.81 -16.49 6.81
C GLU A 73 -9.94 -15.51 6.52
N ARG A 74 -11.07 -15.69 7.20
CA ARG A 74 -12.24 -14.82 6.96
C ARG A 74 -11.86 -13.41 7.42
N LEU A 75 -12.11 -12.41 6.59
CA LEU A 75 -11.91 -11.00 6.99
C LEU A 75 -13.05 -10.62 7.92
N PRO A 76 -12.78 -9.89 9.02
CA PRO A 76 -13.84 -9.43 9.89
C PRO A 76 -14.64 -8.33 9.22
N PRO A 77 -15.94 -8.14 9.57
CA PRO A 77 -16.75 -7.11 8.93
C PRO A 77 -16.16 -5.70 9.00
N TRP A 78 -15.45 -5.37 10.07
CA TRP A 78 -14.93 -3.99 10.24
C TRP A 78 -13.83 -3.72 9.19
N LEU A 79 -13.24 -4.77 8.59
CA LEU A 79 -12.36 -4.60 7.41
C LEU A 79 -13.12 -4.89 6.11
N GLN A 80 -13.96 -5.91 6.06
CA GLN A 80 -14.73 -6.27 4.84
C GLN A 80 -15.47 -5.03 4.34
N ARG A 81 -15.99 -4.19 5.24
CA ARG A 81 -16.68 -2.94 4.83
C ARG A 81 -15.81 -2.17 3.82
N TYR A 82 -14.50 -2.00 4.08
CA TYR A 82 -13.63 -1.15 3.21
C TYR A 82 -13.09 -1.98 2.04
N VAL A 83 -12.87 -3.28 2.22
CA VAL A 83 -12.56 -4.21 1.10
C VAL A 83 -13.69 -4.05 0.06
N ASP A 84 -14.95 -3.99 0.52
CA ASP A 84 -16.10 -3.89 -0.40
C ASP A 84 -16.07 -2.52 -1.09
N LYS A 85 -15.85 -1.45 -0.32
CA LYS A 85 -15.80 -0.07 -0.90
C LYS A 85 -14.73 0.06 -1.99
N VAL A 86 -13.50 -0.45 -1.79
CA VAL A 86 -12.45 -0.34 -2.82
C VAL A 86 -12.71 -1.34 -3.95
N SER A 87 -13.21 -2.53 -3.64
CA SER A 87 -13.54 -3.53 -4.69
C SER A 87 -14.68 -3.00 -5.57
N ASN A 88 -15.59 -2.21 -5.02
CA ASN A 88 -16.70 -1.62 -5.82
C ASN A 88 -16.19 -0.61 -6.85
N LEU A 89 -14.95 -0.11 -6.71
CA LEU A 89 -14.32 0.77 -7.73
C LEU A 89 -13.68 -0.11 -8.81
N SER A 90 -13.81 -1.43 -8.72
CA SER A 90 -13.29 -2.43 -9.69
C SER A 90 -11.78 -2.24 -9.92
N LEU A 91 -11.01 -2.28 -8.83
CA LEU A 91 -9.57 -2.02 -8.85
C LEU A 91 -8.77 -3.31 -9.00
N PHE A 92 -9.39 -4.50 -8.96
CA PHE A 92 -8.61 -5.77 -8.84
C PHE A 92 -8.93 -6.75 -9.96
N GLY A 93 -9.21 -6.26 -11.18
CA GLY A 93 -9.36 -7.12 -12.36
C GLY A 93 -10.71 -7.82 -12.43
N GLY A 94 -11.68 -7.39 -11.63
CA GLY A 94 -13.05 -7.89 -11.68
C GLY A 94 -13.36 -8.97 -10.65
N LEU A 95 -12.45 -9.21 -9.72
CA LEU A 95 -12.72 -9.96 -8.47
C LEU A 95 -12.42 -9.03 -7.31
N PRO A 96 -13.04 -9.26 -6.14
CA PRO A 96 -12.84 -8.38 -5.01
C PRO A 96 -11.47 -8.62 -4.36
N ALA A 97 -10.93 -7.59 -3.71
CA ALA A 97 -9.73 -7.77 -2.85
C ALA A 97 -10.04 -8.81 -1.78
N ASN A 98 -9.00 -9.44 -1.24
CA ASN A 98 -9.20 -10.54 -0.28
C ASN A 98 -8.16 -10.50 0.84
N HIS A 99 -7.45 -9.39 0.98
CA HIS A 99 -6.30 -9.32 1.91
C HIS A 99 -6.15 -7.89 2.39
N VAL A 100 -5.86 -7.72 3.68
CA VAL A 100 -5.54 -6.39 4.25
C VAL A 100 -4.27 -6.51 5.05
N LEU A 101 -3.26 -5.73 4.67
CA LEU A 101 -2.03 -5.56 5.47
C LEU A 101 -2.17 -4.26 6.24
N VAL A 102 -2.18 -4.38 7.56
CA VAL A 102 -2.16 -3.21 8.47
C VAL A 102 -0.71 -2.94 8.87
N ASN A 103 -0.19 -1.76 8.55
CA ASN A 103 1.15 -1.32 9.00
C ASN A 103 0.99 -0.23 10.03
N GLN A 104 1.77 -0.30 11.10
CA GLN A 104 1.79 0.75 12.14
C GLN A 104 3.18 1.34 12.14
N TYR A 105 3.26 2.67 12.05
CA TYR A 105 4.56 3.38 12.07
C TYR A 105 4.50 4.38 13.20
N LEU A 106 5.29 4.15 14.24
CA LEU A 106 5.56 5.20 15.25
C LEU A 106 6.36 6.32 14.57
N PRO A 107 6.38 7.55 15.14
CA PRO A 107 7.22 8.62 14.60
C PRO A 107 8.68 8.17 14.45
N GLY A 108 9.25 8.33 13.26
CA GLY A 108 10.62 7.93 12.93
C GLY A 108 10.67 6.62 12.20
N GLU A 109 9.56 5.89 12.12
CA GLU A 109 9.55 4.60 11.40
C GLU A 109 9.02 4.79 9.97
N GLY A 110 9.50 3.95 9.06
CA GLY A 110 9.13 3.98 7.64
C GLY A 110 9.16 2.59 7.04
N ILE A 111 9.38 2.51 5.74
CA ILE A 111 9.53 1.22 5.01
C ILE A 111 10.52 1.45 3.87
N MET A 112 11.49 0.54 3.72
CA MET A 112 12.54 0.69 2.69
C MET A 112 11.88 0.60 1.33
N PRO A 113 12.48 1.24 0.31
CA PRO A 113 11.95 1.19 -1.05
C PRO A 113 11.80 -0.24 -1.58
N HIS A 114 10.64 -0.53 -2.19
CA HIS A 114 10.31 -1.87 -2.69
C HIS A 114 9.24 -1.78 -3.75
N GLU A 115 9.04 -2.89 -4.47
CA GLU A 115 7.82 -3.08 -5.28
C GLU A 115 7.04 -4.22 -4.61
N ASP A 116 5.73 -4.22 -4.74
CA ASP A 116 4.87 -5.13 -3.95
C ASP A 116 4.96 -6.53 -4.56
N GLY A 117 5.18 -6.63 -5.86
CA GLY A 117 5.58 -7.88 -6.51
C GLY A 117 4.39 -8.76 -6.91
N PRO A 118 4.73 -9.99 -7.38
CA PRO A 118 3.78 -10.85 -8.08
C PRO A 118 2.80 -11.65 -7.21
N LEU A 119 2.87 -11.56 -5.88
CA LEU A 119 1.91 -12.26 -4.99
C LEU A 119 0.54 -11.59 -5.04
N TYR A 120 0.47 -10.36 -5.56
CA TYR A 120 -0.79 -9.58 -5.64
C TYR A 120 -1.10 -9.25 -7.08
N TYR A 121 -2.40 -9.17 -7.37
CA TYR A 121 -2.89 -8.44 -8.57
C TYR A 121 -2.18 -7.08 -8.55
N PRO A 122 -1.73 -6.55 -9.73
CA PRO A 122 -0.95 -5.31 -9.74
C PRO A 122 -1.74 -4.03 -9.48
N THR A 123 -2.23 -3.89 -8.25
CA THR A 123 -2.90 -2.67 -7.75
C THR A 123 -2.69 -2.60 -6.26
N VAL A 124 -2.19 -1.46 -5.79
CA VAL A 124 -2.13 -1.13 -4.33
C VAL A 124 -3.32 -0.23 -4.07
N SER A 125 -4.14 -0.50 -3.04
CA SER A 125 -5.07 0.54 -2.51
C SER A 125 -4.72 0.68 -1.04
N THR A 126 -4.56 1.91 -0.57
CA THR A 126 -4.17 2.15 0.85
C THR A 126 -5.03 3.23 1.46
N ILE A 127 -5.71 2.91 2.57
CA ILE A 127 -6.44 3.91 3.38
C ILE A 127 -5.52 4.26 4.56
N SER A 128 -5.13 5.53 4.67
CA SER A 128 -4.23 6.05 5.73
C SER A 128 -5.05 6.52 6.94
N LEU A 129 -4.58 6.18 8.14
CA LEU A 129 -5.20 6.62 9.43
C LEU A 129 -4.16 7.28 10.34
N GLY A 130 -4.61 8.18 11.21
CA GLY A 130 -3.85 8.58 12.41
C GLY A 130 -2.98 9.80 12.18
N SER A 131 -2.10 9.76 11.19
CA SER A 131 -1.08 10.79 10.93
C SER A 131 -0.84 10.86 9.42
N HIS A 132 -0.36 11.99 8.93
CA HIS A 132 0.17 12.09 7.55
C HIS A 132 1.44 11.25 7.44
N THR A 133 1.87 10.97 6.21
CA THR A 133 3.26 10.59 5.88
C THR A 133 3.57 11.13 4.49
N VAL A 134 4.78 10.89 4.00
CA VAL A 134 5.17 11.13 2.61
C VAL A 134 5.60 9.81 1.99
N LEU A 135 4.97 9.46 0.87
CA LEU A 135 5.34 8.26 0.11
C LEU A 135 6.31 8.68 -1.00
N ASP A 136 7.49 8.07 -1.00
CA ASP A 136 8.55 8.36 -2.01
C ASP A 136 8.52 7.31 -3.12
N PHE A 137 8.71 7.73 -4.38
CA PHE A 137 8.77 6.83 -5.54
C PHE A 137 10.18 6.89 -6.13
N TYR A 138 10.69 5.73 -6.52
CA TYR A 138 12.03 5.61 -7.12
C TYR A 138 11.96 4.80 -8.39
N GLU A 139 12.78 5.18 -9.38
CA GLU A 139 12.93 4.41 -10.64
C GLU A 139 13.74 3.15 -10.30
N PRO A 140 13.34 1.92 -10.67
CA PRO A 140 14.13 0.75 -10.31
C PRO A 140 15.39 0.68 -11.18
N ARG A 141 16.36 -0.15 -10.79
CA ARG A 141 17.46 -0.56 -11.71
C ARG A 141 17.00 -1.85 -12.40
N ARG A 142 16.68 -1.80 -13.69
CA ARG A 142 16.25 -2.96 -14.52
C ARG A 142 17.51 -3.67 -15.05
N PRO A 143 17.56 -5.03 -15.11
CA PRO A 143 18.76 -5.70 -15.64
C PRO A 143 19.16 -5.24 -17.05
N GLU A 144 18.20 -4.91 -17.92
CA GLU A 144 18.43 -4.49 -19.33
C GLU A 144 19.17 -3.14 -19.38
N ASP A 145 19.17 -2.35 -18.30
CA ASP A 145 19.81 -1.01 -18.22
C ASP A 145 21.19 -1.09 -17.56
N ASP A 146 21.57 -2.25 -17.05
CA ASP A 146 22.87 -2.44 -16.33
C ASP A 146 24.03 -2.04 -17.24
N ASP A 147 24.86 -1.11 -16.79
CA ASP A 147 26.09 -0.66 -17.50
C ASP A 147 27.25 -0.74 -16.52
N PRO A 148 28.06 -1.84 -16.53
CA PRO A 148 29.16 -2.00 -15.58
C PRO A 148 30.34 -1.05 -15.84
N THR A 149 30.31 -0.27 -16.92
CA THR A 149 31.34 0.76 -17.25
C THR A 149 30.82 2.20 -17.09
N GLU A 150 29.70 2.43 -16.41
CA GLU A 150 29.06 3.79 -16.33
C GLU A 150 29.90 4.73 -15.45
N GLN A 151 29.83 6.04 -15.73
CA GLN A 151 30.42 7.16 -14.92
C GLN A 151 29.83 7.15 -13.51
N PRO A 152 30.50 7.77 -12.51
CA PRO A 152 29.89 7.87 -11.18
C PRO A 152 28.49 8.49 -11.23
N ARG A 153 27.55 7.94 -10.45
CA ARG A 153 26.13 8.43 -10.33
C ARG A 153 25.83 8.73 -8.86
N PRO A 154 25.23 9.91 -8.54
CA PRO A 154 24.86 10.20 -7.16
C PRO A 154 23.96 9.13 -6.54
N PRO A 155 23.98 8.94 -5.20
CA PRO A 155 23.02 8.04 -4.55
C PRO A 155 21.58 8.29 -5.01
N PRO A 156 20.74 7.23 -5.21
CA PRO A 156 19.39 7.44 -5.71
C PRO A 156 18.58 8.37 -4.77
N ARG A 157 17.93 9.39 -5.35
CA ARG A 157 16.92 10.24 -4.65
C ARG A 157 15.56 9.86 -5.23
N PRO A 158 14.44 10.05 -4.49
CA PRO A 158 13.11 9.83 -5.06
C PRO A 158 12.89 10.65 -6.33
N THR A 159 12.23 10.08 -7.33
CA THR A 159 11.78 10.74 -8.58
C THR A 159 10.54 11.59 -8.31
N THR A 160 9.63 11.10 -7.47
CA THR A 160 8.45 11.89 -7.03
C THR A 160 8.11 11.47 -5.60
N SER A 161 7.59 12.41 -4.81
CA SER A 161 7.07 12.15 -3.45
C SER A 161 5.63 12.65 -3.40
N LEU A 162 4.79 12.01 -2.61
CA LEU A 162 3.35 12.36 -2.47
C LEU A 162 3.01 12.44 -0.99
N LEU A 163 2.37 13.53 -0.58
CA LEU A 163 1.84 13.66 0.80
C LEU A 163 0.61 12.75 0.92
N LEU A 164 0.62 11.85 1.89
CA LEU A 164 -0.57 11.03 2.20
C LEU A 164 -1.20 11.59 3.47
N GLU A 165 -2.39 12.15 3.37
CA GLU A 165 -3.11 12.71 4.53
C GLU A 165 -3.99 11.63 5.15
N PRO A 166 -4.26 11.73 6.47
CA PRO A 166 -5.19 10.79 7.10
C PRO A 166 -6.55 10.81 6.39
N ARG A 167 -7.15 9.63 6.24
CA ARG A 167 -8.53 9.39 5.72
C ARG A 167 -8.51 9.38 4.19
N SER A 168 -7.33 9.49 3.57
CA SER A 168 -7.18 9.39 2.09
C SER A 168 -7.15 7.92 1.62
N LEU A 169 -7.50 7.73 0.36
CA LEU A 169 -7.28 6.49 -0.39
C LEU A 169 -6.23 6.77 -1.46
N LEU A 170 -5.15 6.00 -1.42
CA LEU A 170 -4.14 5.99 -2.49
C LEU A 170 -4.35 4.73 -3.33
N VAL A 171 -4.26 4.86 -4.67
CA VAL A 171 -4.31 3.70 -5.61
C VAL A 171 -3.07 3.79 -6.52
N LEU A 172 -2.29 2.71 -6.57
CA LEU A 172 -1.15 2.57 -7.54
C LEU A 172 -1.51 1.47 -8.54
N ARG A 173 -1.49 1.81 -9.83
CA ARG A 173 -1.74 0.80 -10.89
C ARG A 173 -0.75 1.00 -12.04
N GLY A 174 -0.73 0.05 -12.97
CA GLY A 174 0.18 0.14 -14.14
C GLY A 174 1.61 0.25 -13.68
N PRO A 175 2.45 1.03 -14.39
CA PRO A 175 3.86 1.15 -14.06
C PRO A 175 4.11 1.58 -12.61
N ALA A 176 3.21 2.34 -12.01
CA ALA A 176 3.32 2.77 -10.60
C ALA A 176 3.32 1.57 -9.66
N TYR A 177 2.75 0.43 -10.08
CA TYR A 177 2.84 -0.87 -9.36
C TYR A 177 4.00 -1.73 -9.90
N THR A 178 4.13 -1.88 -11.22
CA THR A 178 4.97 -2.95 -11.86
C THR A 178 6.40 -2.46 -12.13
N ARG A 179 6.62 -1.16 -12.22
CA ARG A 179 7.95 -0.60 -12.61
C ARG A 179 8.59 0.13 -11.40
N LEU A 180 7.87 1.03 -10.73
CA LEU A 180 8.43 1.95 -9.70
C LEU A 180 8.57 1.21 -8.37
N LEU A 181 9.51 1.66 -7.54
CA LEU A 181 9.60 1.34 -6.10
C LEU A 181 8.90 2.43 -5.31
N HIS A 182 8.34 2.09 -4.15
CA HIS A 182 7.79 3.08 -3.20
C HIS A 182 8.38 2.77 -1.83
N GLY A 183 8.53 3.82 -1.03
CA GLY A 183 9.07 3.72 0.33
C GLY A 183 8.60 4.87 1.17
N ILE A 184 8.80 4.75 2.48
CA ILE A 184 8.54 5.82 3.47
C ILE A 184 9.83 6.00 4.26
N ALA A 185 10.37 7.22 4.27
CA ALA A 185 11.62 7.52 4.99
C ALA A 185 11.36 7.37 6.48
N ALA A 186 12.35 6.88 7.22
CA ALA A 186 12.42 6.82 8.70
C ALA A 186 12.66 8.24 9.23
N ALA A 187 11.64 9.08 9.30
CA ALA A 187 11.75 10.52 9.64
C ALA A 187 10.70 10.90 10.69
N ARG A 188 10.94 11.98 11.43
CA ARG A 188 9.99 12.50 12.45
C ARG A 188 9.16 13.66 11.87
N VAL A 189 9.67 14.35 10.86
CA VAL A 189 8.99 15.55 10.27
C VAL A 189 9.09 15.47 8.76
N ASP A 190 8.20 16.16 8.05
CA ASP A 190 8.22 16.28 6.56
C ASP A 190 8.11 17.77 6.25
N ALA A 191 9.16 18.29 5.64
CA ALA A 191 9.19 19.70 5.19
C ALA A 191 8.50 19.72 3.83
N LEU A 192 7.45 20.52 3.68
CA LEU A 192 6.70 20.67 2.40
C LEU A 192 7.39 21.70 1.50
N ASP A 193 8.05 22.71 2.08
CA ASP A 193 8.66 23.82 1.29
C ASP A 193 10.18 23.59 1.17
N ALA A 211 4.15 24.63 6.43
CA ALA A 211 5.49 24.49 5.82
C ALA A 211 6.09 23.14 6.20
N CYS A 212 5.86 22.68 7.42
CA CYS A 212 6.51 21.49 7.98
C CYS A 212 5.48 20.72 8.82
N LEU A 213 5.44 19.40 8.70
CA LEU A 213 4.45 18.55 9.42
C LEU A 213 5.20 17.61 10.35
N VAL A 214 4.79 17.57 11.62
CA VAL A 214 5.35 16.61 12.61
C VAL A 214 4.52 15.33 12.49
N ARG A 215 5.17 14.21 12.29
CA ARG A 215 4.49 12.89 12.24
C ARG A 215 4.04 12.45 13.62
N GLY A 216 2.82 11.95 13.70
CA GLY A 216 2.28 11.18 14.82
C GLY A 216 2.36 9.71 14.45
N THR A 217 1.61 8.87 15.12
CA THR A 217 1.55 7.43 14.78
C THR A 217 0.63 7.26 13.57
N ARG A 218 1.10 6.55 12.55
CA ARG A 218 0.31 6.28 11.31
C ARG A 218 -0.06 4.80 11.32
N VAL A 219 -1.30 4.49 10.97
CA VAL A 219 -1.76 3.11 10.68
C VAL A 219 -2.30 3.13 9.27
N SER A 220 -1.79 2.27 8.42
CA SER A 220 -2.28 2.15 7.04
C SER A 220 -2.92 0.78 6.80
N LEU A 221 -3.94 0.78 5.97
CA LEU A 221 -4.69 -0.43 5.58
C LEU A 221 -4.45 -0.61 4.09
N THR A 222 -3.60 -1.54 3.73
CA THR A 222 -3.24 -1.81 2.32
C THR A 222 -4.13 -2.96 1.85
N ILE A 223 -5.02 -2.67 0.92
CA ILE A 223 -6.08 -3.62 0.48
C ILE A 223 -5.74 -4.13 -0.91
N ARG A 224 -5.47 -5.42 -1.02
CA ARG A 224 -5.00 -6.03 -2.28
C ARG A 224 -5.72 -7.33 -2.58
N ARG A 225 -5.65 -7.76 -3.83
CA ARG A 225 -6.17 -9.08 -4.19
C ARG A 225 -4.98 -10.04 -4.35
N VAL A 226 -5.01 -11.12 -3.59
CA VAL A 226 -4.04 -12.25 -3.69
C VAL A 226 -4.65 -13.30 -4.63
N PRO A 227 -4.12 -13.50 -5.84
CA PRO A 227 -4.77 -14.40 -6.79
C PRO A 227 -4.59 -15.89 -6.46
N ARG A 228 -3.49 -16.29 -5.80
CA ARG A 228 -3.20 -17.72 -5.50
C ARG A 228 -3.71 -18.05 -4.09
N VAL A 229 -4.90 -18.62 -4.01
CA VAL A 229 -5.57 -18.97 -2.73
C VAL A 229 -5.90 -20.46 -2.72
N LEU A 230 -5.54 -21.13 -1.64
CA LEU A 230 -5.83 -22.58 -1.46
C LEU A 230 -7.29 -22.75 -1.06
N ARG A 231 -7.91 -23.85 -1.48
CA ARG A 231 -9.25 -24.23 -1.01
C ARG A 231 -9.22 -24.39 0.51
N ALA A 232 -10.37 -24.19 1.13
CA ALA A 232 -10.56 -24.30 2.59
C ALA A 232 -10.04 -25.66 3.05
N GLY A 233 -9.23 -25.68 4.10
CA GLY A 233 -8.73 -26.91 4.76
C GLY A 233 -7.42 -27.42 4.17
N LEU A 234 -6.92 -26.92 3.03
CA LEU A 234 -5.76 -27.56 2.35
C LEU A 234 -4.49 -26.82 2.74
N LEU A 235 -3.48 -27.58 3.18
CA LEU A 235 -2.12 -27.08 3.46
C LEU A 235 -1.15 -27.68 2.46
N LEU A 236 -0.13 -26.88 2.14
CA LEU A 236 1.10 -27.30 1.42
C LEU A 236 2.28 -27.20 2.39
N GLY A 237 3.12 -28.21 2.44
CA GLY A 237 4.40 -28.08 3.16
C GLY A 237 5.39 -27.29 2.33
N LYS A 238 6.63 -27.18 2.82
CA LYS A 238 7.88 -26.92 2.03
C LYS A 238 8.78 -26.08 2.94
MN MN B . 4.40 -1.54 -0.72
C1 AKG C . 3.72 -2.13 1.93
O1 AKG C . 3.98 -2.80 0.89
O2 AKG C . 3.44 -2.69 3.04
C2 AKG C . 3.72 -0.78 1.84
O5 AKG C . 4.20 -0.19 0.83
C3 AKG C . 3.11 0.09 2.91
C4 AKG C . 2.84 1.53 2.51
C5 AKG C . 2.01 2.35 3.46
O3 AKG C . 1.24 3.20 2.97
O4 AKG C . 2.12 2.14 4.68
#